data_5XQX
#
_entry.id   5XQX
#
_cell.length_a   69.973
_cell.length_b   73.966
_cell.length_c   168.483
_cell.angle_alpha   90.00
_cell.angle_beta   90.00
_cell.angle_gamma   90.00
#
_symmetry.space_group_name_H-M   'P 21 21 21'
#
loop_
_entity.id
_entity.type
_entity.pdbx_description
1 polymer 'Cyclin-dependent kinase 8'
2 polymer Cyclin-C
3 non-polymer GLYCEROL
4 non-polymer N-methyl-4-pyridin-4-yl-1H-pyrrole-2-carboxamide
5 water water
#
loop_
_entity_poly.entity_id
_entity_poly.type
_entity_poly.pdbx_seq_one_letter_code
_entity_poly.pdbx_strand_id
1 'polypeptide(L)'
;GAMGSHMEFMDYDFKVKLSSERERVEDLFEYEGCKVGRGTYGHVYKAKRKDGKDDKDYALKQIEGTGISMSACREIALLR
ELKHPNVISLQKVFLSHADRKVWLLFDYAEHDLWHIIKFHRASKANKKPVQLPRGMVKSLLYQILDGIHYLHANWVLHRD
LKPANILVMGEGPERGRVKIADMGFARLFNSPLKPLADLDPVVVTFWYRAPELLLGARHYTKAIDIWAIGCIFAELLTSE
PIFHCRQEDIKTSNPYHHDQLDRIFNVMGFPADKDWEDIKKMPEHSTLMKDFRRNTYTNCSLIKYMEKHKVKPDSKAFHL
LQKLLTMDPIKRITSEQAMQDPYFLEDPLPTSDVFAGCQIPYPKREFLTEEEPDDKGDKK
;
A
2 'polypeptide(L)'
;AGNFWQSSHYLQWILDKQDLLKERQKDLKFLSEEEYWKLQIFFTNVIQALGEHLKLRQQVIATATVYFKRFYARYSLKSI
DPVLMAPTCVFLASKVEEFGVVSNTRLIAAATSVLKTRFSYAFPKEFPYRMNHILECEFYLLELMDCCLIVYHPYRPLLQ
YVQDMGQEDMLLPLAWRIVNDTYRTDLCLLYPPFMIALACLHVACVVQQKDARQWFAELSVDMEKILEIIRVILKLYEQW
KNFDERKEMATILSKMPKPKPPP
;
B
#
# COMPACT_ATOMS: atom_id res chain seq x y z
N MET A 7 15.55 29.72 3.95
CA MET A 7 15.37 29.30 2.53
C MET A 7 13.90 29.38 2.12
N GLU A 8 13.62 29.87 0.91
CA GLU A 8 12.25 29.88 0.40
C GLU A 8 12.19 29.03 -0.86
N PHE A 9 11.81 27.76 -0.71
CA PHE A 9 11.86 26.81 -1.81
C PHE A 9 10.65 26.84 -2.74
N MET A 10 9.56 27.47 -2.28
CA MET A 10 8.30 27.49 -2.99
C MET A 10 8.02 28.92 -3.51
N ASP A 11 7.47 29.01 -4.71
CA ASP A 11 6.98 30.28 -5.26
C ASP A 11 5.92 30.89 -4.36
N TYR A 12 6.08 32.18 -4.05
CA TYR A 12 5.12 32.88 -3.18
C TYR A 12 3.68 32.84 -3.71
N ASP A 13 3.48 33.12 -4.99
CA ASP A 13 2.13 33.08 -5.57
C ASP A 13 1.51 31.70 -5.44
N PHE A 14 2.33 30.68 -5.70
CA PHE A 14 1.88 29.31 -5.62
C PHE A 14 1.55 29.00 -4.17
N LYS A 15 2.41 29.45 -3.26
CA LYS A 15 2.18 29.16 -1.86
C LYS A 15 0.87 29.78 -1.30
N VAL A 16 0.62 31.09 -1.54
CA VAL A 16 -0.66 31.70 -1.07
C VAL A 16 -1.90 31.08 -1.70
N LYS A 17 -1.83 30.82 -3.00
CA LYS A 17 -2.92 30.17 -3.68
C LYS A 17 -3.22 28.82 -3.00
N LEU A 18 -2.20 27.99 -2.81
CA LEU A 18 -2.42 26.69 -2.18
C LEU A 18 -3.04 26.82 -0.81
N SER A 19 -2.50 27.74 -0.02
CA SER A 19 -2.99 27.95 1.33
C SER A 19 -4.44 28.51 1.32
N SER A 20 -4.77 29.41 0.39
CA SER A 20 -6.15 29.89 0.27
C SER A 20 -7.17 28.79 -0.03
N GLU A 21 -6.81 27.89 -0.95
CA GLU A 21 -7.70 26.84 -1.40
C GLU A 21 -7.68 25.53 -0.58
N ARG A 22 -6.78 25.41 0.40
CA ARG A 22 -6.59 24.13 1.07
C ARG A 22 -7.83 23.82 1.91
N GLU A 23 -8.34 22.60 1.74
CA GLU A 23 -9.41 22.11 2.59
C GLU A 23 -8.84 21.72 3.93
N ARG A 24 -9.45 22.24 4.98
CA ARG A 24 -8.94 22.04 6.32
C ARG A 24 -9.95 21.23 7.11
N VAL A 25 -9.45 20.18 7.76
CA VAL A 25 -10.32 19.22 8.45
C VAL A 25 -11.23 19.93 9.45
N GLU A 26 -10.65 20.83 10.23
CA GLU A 26 -11.41 21.59 11.24
C GLU A 26 -12.39 22.62 10.66
N ASP A 27 -12.27 22.93 9.37
CA ASP A 27 -13.27 23.79 8.73
C ASP A 27 -14.35 22.97 8.12
N LEU A 28 -14.04 21.75 7.73
CA LEU A 28 -15.06 20.90 7.10
C LEU A 28 -15.89 20.05 8.06
N PHE A 29 -15.35 19.69 9.22
CA PHE A 29 -16.00 18.68 10.05
C PHE A 29 -16.13 19.12 11.49
N GLU A 30 -17.25 18.77 12.12
CA GLU A 30 -17.41 19.01 13.57
C GLU A 30 -17.10 17.70 14.31
N TYR A 31 -16.06 17.73 15.14
CA TYR A 31 -15.60 16.49 15.80
C TYR A 31 -15.01 16.73 17.19
N GLU A 32 -15.04 17.96 17.67
CA GLU A 32 -14.53 18.26 19.04
C GLU A 32 -15.40 17.60 20.10
N GLY A 33 -14.74 16.91 21.03
CA GLY A 33 -15.43 16.05 21.99
C GLY A 33 -16.13 14.85 21.36
N CYS A 34 -15.77 14.48 20.12
CA CYS A 34 -16.45 13.34 19.48
C CYS A 34 -15.54 12.12 19.28
N LYS A 35 -14.49 12.00 20.10
CA LYS A 35 -13.60 10.87 20.01
C LYS A 35 -14.36 9.57 20.42
N VAL A 36 -14.20 8.50 19.63
CA VAL A 36 -14.84 7.21 19.92
C VAL A 36 -13.80 6.10 20.01
N GLY A 37 -12.57 6.39 19.64
CA GLY A 37 -11.55 5.38 19.74
C GLY A 37 -10.21 6.02 19.95
N ARG A 38 -9.35 5.34 20.69
CA ARG A 38 -8.00 5.77 20.97
C ARG A 38 -7.19 4.49 21.05
N GLY A 39 -5.99 4.52 20.51
CA GLY A 39 -5.15 3.36 20.44
C GLY A 39 -3.79 3.74 19.92
N THR A 40 -3.00 2.73 19.57
CA THR A 40 -1.70 2.94 18.96
C THR A 40 -1.86 3.44 17.51
N TYR A 41 -2.96 3.06 16.84
CA TYR A 41 -3.34 3.64 15.54
C TYR A 41 -3.47 5.18 15.52
N GLY A 42 -3.85 5.76 16.66
CA GLY A 42 -4.08 7.19 16.81
C GLY A 42 -5.44 7.43 17.46
N HIS A 43 -6.26 8.26 16.84
CA HIS A 43 -7.54 8.66 17.41
C HIS A 43 -8.61 8.61 16.36
N VAL A 44 -9.77 8.05 16.69
CA VAL A 44 -10.90 8.04 15.76
C VAL A 44 -12.02 8.92 16.34
N TYR A 45 -12.63 9.74 15.49
CA TYR A 45 -13.76 10.61 15.87
C TYR A 45 -14.98 10.35 15.00
N LYS A 46 -16.15 10.46 15.59
CA LYS A 46 -17.38 10.49 14.82
C LYS A 46 -17.66 11.95 14.43
N ALA A 47 -17.89 12.22 13.15
CA ALA A 47 -17.90 13.60 12.73
C ALA A 47 -19.00 13.90 11.73
N LYS A 48 -19.51 15.14 11.78
CA LYS A 48 -20.50 15.62 10.83
C LYS A 48 -19.89 16.74 9.97
N ARG A 49 -20.34 16.83 8.73
CA ARG A 49 -20.01 17.97 7.88
C ARG A 49 -20.51 19.26 8.50
N LYS A 50 -19.61 20.22 8.70
CA LYS A 50 -19.96 21.54 9.19
C LYS A 50 -20.94 22.28 8.26
N ASP A 51 -20.80 22.11 6.96
CA ASP A 51 -21.59 22.88 6.00
C ASP A 51 -23.03 22.35 5.80
N GLY A 52 -23.42 21.32 6.56
CA GLY A 52 -24.75 20.72 6.51
C GLY A 52 -25.26 20.24 5.15
N LYS A 53 -24.36 20.04 4.20
CA LYS A 53 -24.74 19.66 2.83
C LYS A 53 -25.24 18.21 2.73
N ASP A 54 -24.79 17.36 3.66
CA ASP A 54 -25.46 16.08 3.94
C ASP A 54 -25.52 15.90 5.45
N ASP A 55 -26.18 14.82 5.88
CA ASP A 55 -26.40 14.58 7.31
C ASP A 55 -25.67 13.30 7.81
N LYS A 56 -24.98 12.61 6.90
CA LYS A 56 -24.19 11.39 7.19
C LYS A 56 -23.24 11.54 8.37
N ASP A 57 -22.98 10.44 9.08
CA ASP A 57 -21.87 10.39 10.03
C ASP A 57 -20.60 9.95 9.31
N TYR A 58 -19.47 10.52 9.68
CA TYR A 58 -18.20 10.17 9.09
C TYR A 58 -17.29 9.79 10.23
N ALA A 59 -16.30 8.96 9.93
CA ALA A 59 -15.23 8.69 10.88
C ALA A 59 -13.99 9.43 10.39
N LEU A 60 -13.31 10.06 11.34
CA LEU A 60 -12.04 10.74 11.09
C LEU A 60 -10.97 10.10 11.90
N LYS A 61 -9.92 9.64 11.22
CA LYS A 61 -8.80 9.02 11.91
C LYS A 61 -7.58 9.93 11.87
N GLN A 62 -7.17 10.39 13.05
CA GLN A 62 -5.96 11.16 13.13
C GLN A 62 -4.88 10.15 13.42
N ILE A 63 -3.97 10.02 12.47
CA ILE A 63 -2.95 9.02 12.55
C ILE A 63 -2.00 9.35 13.69
N GLU A 64 -1.59 8.29 14.40
CA GLU A 64 -0.57 8.40 15.47
C GLU A 64 0.75 8.95 14.94
N GLY A 65 1.26 9.98 15.61
CA GLY A 65 2.58 10.51 15.29
C GLY A 65 2.47 11.73 14.41
N THR A 66 3.62 12.23 13.95
CA THR A 66 3.65 13.31 12.97
C THR A 66 4.22 12.80 11.64
N GLY A 67 3.93 13.54 10.56
CA GLY A 67 4.54 13.31 9.26
C GLY A 67 4.02 12.08 8.56
N ILE A 68 4.75 11.68 7.52
CA ILE A 68 4.39 10.49 6.78
C ILE A 68 5.24 9.35 7.31
N SER A 69 4.73 8.64 8.31
CA SER A 69 5.37 7.41 8.78
C SER A 69 5.02 6.27 7.84
N MET A 70 5.72 5.15 8.06
CA MET A 70 5.44 3.89 7.34
C MET A 70 4.00 3.46 7.41
N SER A 71 3.34 3.56 8.57
CA SER A 71 1.91 3.21 8.67
C SER A 71 1.00 4.12 7.88
N ALA A 72 1.21 5.44 8.00
CA ALA A 72 0.42 6.46 7.28
C ALA A 72 0.62 6.19 5.79
N CYS A 73 1.88 6.01 5.41
CA CYS A 73 2.25 5.77 4.04
C CYS A 73 1.54 4.54 3.46
N ARG A 74 1.63 3.40 4.15
CA ARG A 74 0.90 2.21 3.70
C ARG A 74 -0.58 2.40 3.62
N GLU A 75 -1.16 3.05 4.63
CA GLU A 75 -2.61 3.05 4.67
C GLU A 75 -3.12 3.96 3.54
N ILE A 76 -2.46 5.09 3.33
CA ILE A 76 -2.83 5.98 2.22
C ILE A 76 -2.59 5.29 0.88
N ALA A 77 -1.41 4.71 0.69
CA ALA A 77 -1.03 4.17 -0.60
C ALA A 77 -1.97 3.06 -1.02
N LEU A 78 -2.31 2.19 -0.08
CA LEU A 78 -3.16 1.04 -0.45
C LEU A 78 -4.63 1.36 -0.58
N LEU A 79 -5.17 2.12 0.39
CA LEU A 79 -6.62 2.45 0.34
C LEU A 79 -6.96 3.38 -0.83
N ARG A 80 -5.97 4.13 -1.26
CA ARG A 80 -6.08 4.94 -2.46
C ARG A 80 -6.45 4.10 -3.70
N GLU A 81 -6.03 2.83 -3.72
CA GLU A 81 -6.19 1.93 -4.86
C GLU A 81 -7.34 0.98 -4.67
N LEU A 82 -7.58 0.57 -3.45
CA LEU A 82 -8.52 -0.53 -3.23
C LEU A 82 -9.98 -0.08 -3.30
N LYS A 83 -10.82 -0.89 -3.93
CA LYS A 83 -12.25 -0.63 -3.90
C LYS A 83 -13.02 -1.95 -3.89
N HIS A 84 -13.63 -2.22 -2.74
CA HIS A 84 -14.40 -3.44 -2.56
C HIS A 84 -15.41 -3.16 -1.49
N PRO A 85 -16.63 -3.69 -1.63
CA PRO A 85 -17.66 -3.43 -0.63
C PRO A 85 -17.23 -3.81 0.78
N ASN A 86 -16.27 -4.72 0.91
CA ASN A 86 -15.86 -5.23 2.24
C ASN A 86 -14.53 -4.68 2.76
N VAL A 87 -14.01 -3.62 2.12
CA VAL A 87 -12.81 -2.97 2.58
C VAL A 87 -13.18 -1.50 2.79
N ILE A 88 -12.85 -0.96 3.97
CA ILE A 88 -13.15 0.43 4.32
C ILE A 88 -12.68 1.35 3.17
N SER A 89 -13.52 2.29 2.71
CA SER A 89 -13.11 3.23 1.60
C SER A 89 -12.53 4.49 2.17
N LEU A 90 -11.33 4.82 1.67
CA LEU A 90 -10.70 6.08 1.96
C LEU A 90 -11.40 7.21 1.18
N GLN A 91 -12.19 8.04 1.88
CA GLN A 91 -12.93 9.12 1.21
C GLN A 91 -12.04 10.30 0.92
N LYS A 92 -11.15 10.62 1.85
CA LYS A 92 -10.36 11.81 1.72
C LYS A 92 -9.19 11.76 2.67
N VAL A 93 -8.10 12.43 2.30
CA VAL A 93 -6.93 12.60 3.16
C VAL A 93 -6.72 14.10 3.42
N PHE A 94 -6.54 14.49 4.68
CA PHE A 94 -6.20 15.87 5.00
C PHE A 94 -4.83 15.90 5.62
N LEU A 95 -3.98 16.74 5.07
CA LEU A 95 -2.68 16.92 5.61
C LEU A 95 -2.65 18.29 6.27
N SER A 96 -2.37 18.29 7.57
CA SER A 96 -2.33 19.50 8.37
C SER A 96 -0.87 19.99 8.49
N HIS A 97 -0.54 21.06 7.78
CA HIS A 97 0.88 21.49 7.62
C HIS A 97 1.55 22.05 8.84
N ALA A 98 0.84 22.95 9.53
CA ALA A 98 1.28 23.52 10.82
C ALA A 98 1.79 22.49 11.84
N ASP A 99 1.06 21.39 12.05
CA ASP A 99 1.43 20.39 13.08
C ASP A 99 1.82 19.03 12.49
N ARG A 100 1.73 18.92 11.17
CA ARG A 100 2.16 17.72 10.42
C ARG A 100 1.35 16.49 10.80
N LYS A 101 0.06 16.69 11.00
CA LYS A 101 -0.85 15.59 11.29
C LYS A 101 -1.54 15.16 10.00
N VAL A 102 -1.81 13.86 9.90
CA VAL A 102 -2.46 13.29 8.75
C VAL A 102 -3.81 12.81 9.25
N TRP A 103 -4.86 13.13 8.49
CA TRP A 103 -6.21 12.73 8.84
C TRP A 103 -6.82 11.98 7.69
N LEU A 104 -7.49 10.87 8.00
CA LEU A 104 -8.23 10.09 7.02
C LEU A 104 -9.72 10.12 7.33
N LEU A 105 -10.50 10.17 6.25
CA LEU A 105 -11.92 10.28 6.32
C LEU A 105 -12.56 9.03 5.77
N PHE A 106 -13.47 8.46 6.56
CA PHE A 106 -14.24 7.32 6.12
C PHE A 106 -15.70 7.53 6.48
N ASP A 107 -16.56 6.77 5.82
CA ASP A 107 -17.95 6.62 6.22
C ASP A 107 -17.95 5.91 7.59
N TYR A 108 -18.83 6.36 8.46
CA TYR A 108 -18.81 5.90 9.82
C TYR A 108 -19.42 4.51 9.95
N ALA A 109 -18.69 3.61 10.59
CA ALA A 109 -19.20 2.27 10.91
C ALA A 109 -19.56 2.23 12.41
N GLU A 110 -20.85 2.17 12.70
CA GLU A 110 -21.34 2.11 14.10
C GLU A 110 -20.78 0.91 14.89
N HIS A 111 -20.58 -0.20 14.20
CA HIS A 111 -20.21 -1.44 14.87
C HIS A 111 -18.89 -2.05 14.52
N ASP A 112 -18.46 -3.00 15.34
CA ASP A 112 -17.28 -3.79 15.06
C ASP A 112 -17.33 -5.08 15.87
N LEU A 113 -16.57 -6.08 15.43
CA LEU A 113 -16.68 -7.41 15.98
C LEU A 113 -16.24 -7.47 17.45
N TRP A 114 -15.25 -6.69 17.80
CA TRP A 114 -14.81 -6.59 19.21
C TRP A 114 -15.96 -6.28 20.13
N HIS A 115 -16.77 -5.28 19.75
CA HIS A 115 -17.89 -4.82 20.62
C HIS A 115 -19.02 -5.78 20.55
N ILE A 116 -19.25 -6.34 19.37
CA ILE A 116 -20.34 -7.30 19.19
C ILE A 116 -20.08 -8.55 20.01
N ILE A 117 -18.84 -9.04 19.98
CA ILE A 117 -18.49 -10.29 20.65
C ILE A 117 -18.53 -10.07 22.14
N LYS A 118 -17.90 -9.00 22.62
CA LYS A 118 -18.02 -8.58 24.01
C LYS A 118 -19.50 -8.48 24.47
N PHE A 119 -20.36 -7.81 23.71
CA PHE A 119 -21.78 -7.74 24.06
C PHE A 119 -22.33 -9.14 24.36
N HIS A 120 -22.07 -10.13 23.48
CA HIS A 120 -22.55 -11.49 23.74
C HIS A 120 -21.89 -12.15 24.89
N ARG A 121 -20.57 -11.98 25.03
CA ARG A 121 -19.87 -12.62 26.13
C ARG A 121 -20.35 -12.06 27.49
N ALA A 122 -20.66 -10.77 27.56
CA ALA A 122 -21.26 -10.21 28.76
C ALA A 122 -22.69 -10.78 28.92
N SER A 123 -22.75 -12.04 29.33
CA SER A 123 -24.00 -12.78 29.54
C SER A 123 -23.73 -14.27 29.66
N LEU A 132 -24.68 -15.46 19.90
CA LEU A 132 -24.45 -14.99 18.52
C LEU A 132 -25.30 -15.75 17.47
N PRO A 133 -26.31 -15.08 16.86
CA PRO A 133 -27.11 -15.84 15.87
C PRO A 133 -26.29 -16.49 14.71
N ARG A 134 -26.55 -17.77 14.44
CA ARG A 134 -25.77 -18.53 13.44
C ARG A 134 -25.78 -17.93 12.00
N GLY A 135 -26.96 -17.44 11.55
CA GLY A 135 -27.09 -16.68 10.29
C GLY A 135 -26.07 -15.53 10.19
N MET A 136 -25.95 -14.78 11.27
CA MET A 136 -25.09 -13.62 11.37
C MET A 136 -23.64 -14.07 11.38
N VAL A 137 -23.35 -15.10 12.19
CA VAL A 137 -22.03 -15.68 12.23
C VAL A 137 -21.58 -16.05 10.81
N LYS A 138 -22.40 -16.81 10.09
CA LYS A 138 -22.04 -17.27 8.76
C LYS A 138 -21.84 -16.06 7.82
N SER A 139 -22.75 -15.10 7.90
CA SER A 139 -22.73 -13.96 7.02
C SER A 139 -21.50 -13.10 7.31
N LEU A 140 -21.16 -12.95 8.58
CA LEU A 140 -19.93 -12.27 8.91
C LEU A 140 -18.71 -12.95 8.28
N LEU A 141 -18.64 -14.26 8.42
CA LEU A 141 -17.45 -14.96 7.97
C LEU A 141 -17.33 -14.81 6.44
N TYR A 142 -18.45 -14.95 5.75
CA TYR A 142 -18.48 -14.89 4.30
C TYR A 142 -17.91 -13.54 3.81
N GLN A 143 -18.27 -12.44 4.49
CA GLN A 143 -17.82 -11.10 4.04
C GLN A 143 -16.37 -10.80 4.42
N ILE A 144 -15.92 -11.26 5.60
CA ILE A 144 -14.49 -11.24 5.90
C ILE A 144 -13.64 -11.96 4.79
N LEU A 145 -14.02 -13.17 4.44
CA LEU A 145 -13.34 -13.94 3.39
C LEU A 145 -13.40 -13.21 2.06
N ASP A 146 -14.60 -12.76 1.71
CA ASP A 146 -14.75 -11.91 0.52
C ASP A 146 -13.75 -10.74 0.45
N GLY A 147 -13.66 -9.96 1.53
CA GLY A 147 -12.75 -8.84 1.58
C GLY A 147 -11.28 -9.24 1.53
N ILE A 148 -10.92 -10.30 2.29
CA ILE A 148 -9.54 -10.75 2.32
C ILE A 148 -9.09 -11.31 0.99
N HIS A 149 -9.97 -12.06 0.34
CA HIS A 149 -9.76 -12.55 -1.03
C HIS A 149 -9.48 -11.43 -2.02
N TYR A 150 -10.34 -10.41 -2.02
CA TYR A 150 -10.07 -9.21 -2.78
C TYR A 150 -8.71 -8.63 -2.47
N LEU A 151 -8.38 -8.47 -1.19
CA LEU A 151 -7.10 -7.94 -0.82
C LEU A 151 -5.95 -8.81 -1.35
N HIS A 152 -6.09 -10.13 -1.15
CA HIS A 152 -5.10 -11.08 -1.62
C HIS A 152 -4.95 -11.04 -3.11
N ALA A 153 -6.08 -10.97 -3.83
CA ALA A 153 -6.06 -10.95 -5.31
C ALA A 153 -5.40 -9.71 -5.81
N ASN A 154 -5.24 -8.73 -4.92
CA ASN A 154 -4.56 -7.49 -5.27
C ASN A 154 -3.20 -7.36 -4.63
N TRP A 155 -2.65 -8.50 -4.20
CA TRP A 155 -1.27 -8.59 -3.69
C TRP A 155 -1.07 -7.92 -2.36
N VAL A 156 -2.14 -7.73 -1.60
CA VAL A 156 -2.06 -7.09 -0.27
C VAL A 156 -2.27 -8.11 0.86
N LEU A 157 -1.34 -8.11 1.80
CA LEU A 157 -1.51 -8.85 3.03
C LEU A 157 -1.92 -7.88 4.08
N HIS A 158 -2.93 -8.25 4.85
CA HIS A 158 -3.38 -7.35 5.91
C HIS A 158 -2.46 -7.36 7.09
N ARG A 159 -2.18 -8.57 7.61
CA ARG A 159 -1.20 -8.85 8.69
C ARG A 159 -1.58 -8.47 10.12
N ASP A 160 -2.79 -7.97 10.35
CA ASP A 160 -3.21 -7.64 11.69
C ASP A 160 -4.70 -7.88 11.81
N LEU A 161 -5.22 -8.92 11.16
CA LEU A 161 -6.65 -9.18 11.29
C LEU A 161 -7.02 -9.55 12.72
N LYS A 162 -8.04 -8.89 13.24
CA LYS A 162 -8.60 -9.19 14.55
C LYS A 162 -10.00 -8.57 14.69
N PRO A 163 -10.79 -9.02 15.66
CA PRO A 163 -12.17 -8.51 15.74
C PRO A 163 -12.29 -6.95 15.75
N ALA A 164 -11.34 -6.25 16.38
CA ALA A 164 -11.40 -4.77 16.42
C ALA A 164 -11.28 -4.14 15.01
N ASN A 165 -10.68 -4.86 14.06
CA ASN A 165 -10.46 -4.40 12.68
C ASN A 165 -11.55 -4.84 11.75
N ILE A 166 -12.52 -5.57 12.23
CA ILE A 166 -13.66 -5.95 11.41
C ILE A 166 -14.81 -5.10 11.82
N LEU A 167 -15.03 -4.04 11.05
CA LEU A 167 -16.16 -3.15 11.25
C LEU A 167 -17.40 -3.70 10.62
N VAL A 168 -18.55 -3.33 11.20
CA VAL A 168 -19.84 -3.61 10.61
C VAL A 168 -20.65 -2.31 10.55
N MET A 169 -21.13 -1.96 9.35
CA MET A 169 -21.95 -0.77 9.16
C MET A 169 -23.30 -0.89 9.89
N GLY A 170 -23.68 0.18 10.60
CA GLY A 170 -25.04 0.31 11.18
C GLY A 170 -26.12 0.79 10.23
N GLU A 171 -27.26 1.27 10.79
CA GLU A 171 -28.43 1.75 10.00
C GLU A 171 -27.98 2.76 8.96
N GLY A 172 -28.57 2.67 7.77
CA GLY A 172 -28.09 3.39 6.62
C GLY A 172 -28.14 2.49 5.40
N PRO A 173 -27.62 2.98 4.25
CA PRO A 173 -27.73 2.23 3.00
C PRO A 173 -26.76 1.04 2.88
N GLU A 174 -25.87 0.85 3.86
CA GLU A 174 -24.97 -0.30 3.90
C GLU A 174 -25.14 -1.16 5.15
N ARG A 175 -26.35 -1.13 5.70
CA ARG A 175 -26.65 -1.80 6.96
C ARG A 175 -26.18 -3.26 7.00
N GLY A 176 -25.49 -3.64 8.08
CA GLY A 176 -24.95 -5.00 8.20
C GLY A 176 -23.81 -5.41 7.27
N ARG A 177 -23.20 -4.43 6.57
CA ARG A 177 -22.07 -4.72 5.69
C ARG A 177 -20.76 -4.75 6.47
N VAL A 178 -19.99 -5.83 6.34
CA VAL A 178 -18.61 -5.84 6.91
C VAL A 178 -17.66 -4.91 6.15
N LYS A 179 -16.81 -4.23 6.88
CA LYS A 179 -15.71 -3.45 6.33
C LYS A 179 -14.41 -3.81 7.07
N ILE A 180 -13.46 -4.42 6.36
CA ILE A 180 -12.13 -4.61 6.92
C ILE A 180 -11.42 -3.27 6.99
N ALA A 181 -10.85 -2.93 8.15
CA ALA A 181 -10.14 -1.68 8.36
C ALA A 181 -8.71 -1.87 8.88
N ASP A 182 -8.00 -0.75 8.94
CA ASP A 182 -6.64 -0.61 9.45
C ASP A 182 -5.59 -1.29 8.59
N MET A 183 -5.09 -0.55 7.58
CA MET A 183 -4.06 -1.03 6.68
C MET A 183 -2.70 -0.60 7.20
N GLY A 184 -2.64 -0.13 8.44
CA GLY A 184 -1.40 0.35 9.02
C GLY A 184 -0.25 -0.63 8.96
N PHE A 185 -0.53 -1.93 8.99
CA PHE A 185 0.53 -2.92 8.95
C PHE A 185 0.54 -3.66 7.62
N ALA A 186 -0.40 -3.35 6.73
CA ALA A 186 -0.52 -4.08 5.47
C ALA A 186 0.71 -3.97 4.54
N ARG A 187 0.83 -4.92 3.64
CA ARG A 187 2.05 -5.05 2.86
C ARG A 187 1.72 -5.61 1.49
N LEU A 188 2.35 -5.07 0.44
CA LEU A 188 2.31 -5.75 -0.86
C LEU A 188 3.20 -6.96 -0.77
N PHE A 189 2.78 -8.07 -1.36
CA PHE A 189 3.67 -9.23 -1.37
C PHE A 189 4.33 -9.57 -2.70
N ASN A 190 3.81 -9.01 -3.80
CA ASN A 190 4.26 -9.25 -5.19
C ASN A 190 5.76 -9.36 -5.49
N VAL A 204 2.41 -6.82 23.55
CA VAL A 204 1.19 -6.87 22.76
C VAL A 204 0.41 -8.19 22.92
N THR A 205 -0.50 -8.46 21.97
CA THR A 205 -1.46 -9.58 22.00
C THR A 205 -1.31 -10.50 20.77
N PHE A 206 -1.00 -11.75 21.01
CA PHE A 206 -0.70 -12.66 19.91
C PHE A 206 -1.76 -13.74 19.65
N TRP A 207 -2.98 -13.50 20.12
CA TRP A 207 -4.06 -14.44 20.00
C TRP A 207 -4.41 -14.82 18.58
N TYR A 208 -4.09 -13.95 17.62
CA TYR A 208 -4.53 -14.16 16.24
C TYR A 208 -3.33 -14.49 15.35
N ARG A 209 -2.18 -14.70 15.97
CA ARG A 209 -0.92 -14.86 15.26
C ARG A 209 -0.68 -16.32 14.93
N ALA A 210 -0.49 -16.59 13.64
CA ALA A 210 -0.24 -17.94 13.16
C ALA A 210 1.00 -18.56 13.82
N PRO A 211 0.96 -19.89 14.04
CA PRO A 211 2.05 -20.55 14.78
C PRO A 211 3.40 -20.48 14.07
N GLU A 212 3.38 -20.48 12.72
CA GLU A 212 4.65 -20.32 11.99
C GLU A 212 5.35 -19.02 12.39
N LEU A 213 4.59 -17.95 12.59
CA LEU A 213 5.20 -16.69 13.08
C LEU A 213 5.77 -16.81 14.48
N LEU A 214 5.05 -17.51 15.37
CA LEU A 214 5.50 -17.73 16.73
C LEU A 214 6.79 -18.57 16.76
N LEU A 215 7.05 -19.29 15.67
CA LEU A 215 8.21 -20.13 15.57
C LEU A 215 9.28 -19.48 14.69
N GLY A 216 9.17 -18.15 14.52
CA GLY A 216 10.16 -17.36 13.79
C GLY A 216 10.10 -17.28 12.26
N ALA A 217 9.05 -17.78 11.60
CA ALA A 217 9.04 -17.59 10.14
C ALA A 217 9.27 -16.09 9.80
N ARG A 218 10.14 -15.85 8.82
CA ARG A 218 10.56 -14.49 8.51
C ARG A 218 9.55 -13.74 7.61
N HIS A 219 8.82 -14.46 6.77
CA HIS A 219 7.88 -13.85 5.83
C HIS A 219 6.42 -13.88 6.26
N TYR A 220 5.72 -12.78 6.03
CA TYR A 220 4.26 -12.81 6.04
C TYR A 220 3.73 -13.39 4.71
N THR A 221 2.59 -14.07 4.78
CA THR A 221 2.05 -14.85 3.68
C THR A 221 0.54 -14.69 3.77
N LYS A 222 -0.16 -15.03 2.70
CA LYS A 222 -1.60 -15.09 2.72
C LYS A 222 -2.17 -16.02 3.81
N ALA A 223 -1.50 -17.16 4.01
CA ALA A 223 -1.92 -18.20 4.96
C ALA A 223 -1.97 -17.60 6.38
N ILE A 224 -1.13 -16.60 6.65
CA ILE A 224 -1.12 -15.94 7.95
C ILE A 224 -2.41 -15.18 8.20
N ASP A 225 -2.96 -14.52 7.17
CA ASP A 225 -4.24 -13.87 7.27
C ASP A 225 -5.36 -14.88 7.48
N ILE A 226 -5.28 -16.01 6.78
CA ILE A 226 -6.32 -17.01 6.88
C ILE A 226 -6.40 -17.61 8.32
N TRP A 227 -5.28 -17.77 8.98
CA TRP A 227 -5.28 -18.28 10.37
C TRP A 227 -6.00 -17.32 11.26
N ALA A 228 -5.74 -16.03 11.06
CA ALA A 228 -6.36 -14.98 11.86
C ALA A 228 -7.89 -15.04 11.68
N ILE A 229 -8.34 -15.26 10.45
CA ILE A 229 -9.75 -15.44 10.18
C ILE A 229 -10.35 -16.68 10.82
N GLY A 230 -9.59 -17.78 10.88
CA GLY A 230 -10.05 -18.94 11.65
C GLY A 230 -10.19 -18.59 13.14
N CYS A 231 -9.24 -17.85 13.69
CA CYS A 231 -9.36 -17.40 15.07
C CYS A 231 -10.61 -16.59 15.33
N ILE A 232 -10.97 -15.72 14.38
CA ILE A 232 -12.11 -14.83 14.52
C ILE A 232 -13.38 -15.69 14.41
N PHE A 233 -13.40 -16.61 13.44
CA PHE A 233 -14.51 -17.55 13.27
C PHE A 233 -14.80 -18.36 14.55
N ALA A 234 -13.77 -18.96 15.16
CA ALA A 234 -13.97 -19.67 16.42
C ALA A 234 -14.61 -18.76 17.48
N GLU A 235 -14.02 -17.57 17.68
CA GLU A 235 -14.53 -16.56 18.60
C GLU A 235 -16.03 -16.18 18.33
N LEU A 236 -16.42 -16.10 17.06
CA LEU A 236 -17.80 -15.79 16.72
C LEU A 236 -18.74 -16.96 17.06
N LEU A 237 -18.22 -18.18 16.95
CA LEU A 237 -18.98 -19.37 17.30
C LEU A 237 -19.18 -19.55 18.80
N THR A 238 -18.18 -19.17 19.58
CA THR A 238 -18.21 -19.46 21.02
C THR A 238 -18.25 -18.23 21.91
N SER A 239 -17.97 -17.05 21.38
CA SER A 239 -17.84 -15.80 22.18
C SER A 239 -16.58 -15.66 22.99
N GLU A 240 -15.62 -16.59 22.86
CA GLU A 240 -14.31 -16.50 23.56
C GLU A 240 -13.18 -16.50 22.53
N PRO A 241 -12.09 -15.77 22.81
CA PRO A 241 -10.92 -15.89 21.94
C PRO A 241 -10.29 -17.27 22.15
N ILE A 242 -10.30 -18.08 21.09
CA ILE A 242 -9.84 -19.46 21.12
C ILE A 242 -8.42 -19.58 21.69
N PHE A 243 -7.50 -18.70 21.30
CA PHE A 243 -6.16 -18.77 21.84
C PHE A 243 -5.84 -17.69 22.88
N HIS A 244 -6.86 -17.32 23.67
CA HIS A 244 -6.67 -16.40 24.80
C HIS A 244 -5.50 -16.84 25.64
N CYS A 245 -4.76 -15.87 26.13
CA CYS A 245 -3.51 -16.08 26.77
C CYS A 245 -3.14 -14.74 27.48
N ARG A 246 -2.47 -14.79 28.63
CA ARG A 246 -2.11 -13.52 29.27
C ARG A 246 -0.91 -12.88 28.56
N GLN A 247 -0.70 -11.58 28.80
CA GLN A 247 0.45 -10.84 28.27
C GLN A 247 1.76 -11.26 28.93
N GLU A 248 2.84 -11.23 28.15
CA GLU A 248 4.16 -11.60 28.64
C GLU A 248 4.84 -10.43 29.38
N SER A 253 10.09 -7.81 21.43
CA SER A 253 11.41 -8.38 21.18
C SER A 253 11.37 -9.47 20.07
N ASN A 254 11.88 -10.67 20.36
CA ASN A 254 11.95 -11.74 19.37
C ASN A 254 10.59 -12.38 19.10
N PRO A 255 10.48 -13.13 17.98
CA PRO A 255 9.18 -13.67 17.55
C PRO A 255 8.66 -14.86 18.38
N TYR A 256 9.55 -15.54 19.10
CA TYR A 256 9.15 -16.70 19.90
C TYR A 256 8.37 -16.36 21.16
N HIS A 257 7.12 -16.82 21.22
CA HIS A 257 6.28 -16.63 22.41
C HIS A 257 5.80 -17.93 23.02
N HIS A 258 6.50 -18.33 24.08
CA HIS A 258 6.28 -19.62 24.75
C HIS A 258 4.84 -19.88 25.14
N ASP A 259 4.24 -18.94 25.88
CA ASP A 259 2.91 -19.17 26.50
C ASP A 259 1.80 -19.15 25.47
N GLN A 260 1.95 -18.30 24.47
CA GLN A 260 1.01 -18.29 23.37
C GLN A 260 1.02 -19.66 22.62
N LEU A 261 2.20 -20.19 22.34
CA LEU A 261 2.33 -21.57 21.75
C LEU A 261 1.70 -22.63 22.66
N ASP A 262 2.02 -22.55 23.94
CA ASP A 262 1.45 -23.46 24.94
C ASP A 262 -0.09 -23.42 24.90
N ARG A 263 -0.66 -22.21 24.84
CA ARG A 263 -2.14 -22.12 24.73
C ARG A 263 -2.64 -22.75 23.44
N ILE A 264 -1.94 -22.52 22.32
CA ILE A 264 -2.35 -23.14 21.04
C ILE A 264 -2.26 -24.70 21.08
N PHE A 265 -1.17 -25.25 21.65
CA PHE A 265 -1.11 -26.72 21.78
C PHE A 265 -2.21 -27.28 22.71
N ASN A 266 -2.49 -26.58 23.81
CA ASN A 266 -3.64 -26.97 24.67
C ASN A 266 -4.98 -27.03 23.99
N VAL A 267 -5.18 -26.19 22.97
CA VAL A 267 -6.41 -26.26 22.20
C VAL A 267 -6.32 -27.25 21.02
N MET A 268 -5.22 -27.18 20.27
CA MET A 268 -5.10 -27.89 18.98
C MET A 268 -4.49 -29.27 19.13
N GLY A 269 -3.69 -29.48 20.17
CA GLY A 269 -2.80 -30.64 20.22
C GLY A 269 -1.44 -30.23 19.68
N PHE A 270 -0.45 -31.06 19.94
CA PHE A 270 0.89 -30.79 19.49
C PHE A 270 0.98 -31.48 18.14
N PRO A 271 1.43 -30.75 17.10
CA PRO A 271 1.39 -31.31 15.74
C PRO A 271 2.30 -32.53 15.62
N ALA A 272 1.76 -33.63 15.09
CA ALA A 272 2.60 -34.78 14.73
C ALA A 272 3.48 -34.40 13.54
N ASP A 273 4.59 -35.11 13.40
CA ASP A 273 5.55 -34.82 12.33
C ASP A 273 4.92 -34.77 10.93
N LYS A 274 3.94 -35.65 10.71
CA LYS A 274 3.26 -35.76 9.44
C LYS A 274 2.20 -34.66 9.19
N ASP A 275 1.77 -33.98 10.27
CA ASP A 275 0.86 -32.82 10.17
C ASP A 275 1.60 -31.57 9.67
N TRP A 276 2.91 -31.48 9.85
CA TRP A 276 3.65 -30.28 9.59
C TRP A 276 5.11 -30.60 9.44
N GLU A 277 5.44 -31.23 8.33
CA GLU A 277 6.79 -31.69 8.06
C GLU A 277 7.84 -30.57 8.12
N ASP A 278 7.48 -29.38 7.65
CA ASP A 278 8.41 -28.28 7.63
C ASP A 278 8.59 -27.60 8.98
N ILE A 279 7.98 -28.14 10.04
CA ILE A 279 8.14 -27.53 11.36
C ILE A 279 9.62 -27.53 11.73
N LYS A 280 10.32 -28.58 11.30
CA LYS A 280 11.78 -28.74 11.44
C LYS A 280 12.63 -27.60 10.87
N LYS A 281 12.08 -26.82 9.94
CA LYS A 281 12.84 -25.74 9.30
C LYS A 281 12.60 -24.37 9.93
N MET A 282 11.73 -24.31 10.94
CA MET A 282 11.40 -23.06 11.59
C MET A 282 12.62 -22.67 12.42
N PRO A 283 12.98 -21.38 12.37
CA PRO A 283 14.17 -20.94 13.10
C PRO A 283 14.13 -21.29 14.60
N GLU A 284 12.94 -21.41 15.19
CA GLU A 284 12.81 -21.64 16.64
C GLU A 284 12.46 -23.11 16.98
N HIS A 285 12.54 -23.98 15.99
CA HIS A 285 12.21 -25.38 16.21
C HIS A 285 12.93 -26.04 17.38
N SER A 286 14.23 -25.78 17.53
CA SER A 286 15.01 -26.39 18.60
C SER A 286 14.67 -25.80 19.97
N THR A 287 14.32 -24.51 19.98
CA THR A 287 13.74 -23.91 21.17
C THR A 287 12.40 -24.62 21.52
N LEU A 288 11.60 -24.91 20.49
CA LEU A 288 10.35 -25.63 20.67
C LEU A 288 10.60 -27.01 21.28
N MET A 289 11.58 -27.73 20.72
CA MET A 289 11.96 -29.05 21.19
C MET A 289 12.49 -29.00 22.62
N LYS A 290 13.28 -27.98 22.94
CA LYS A 290 13.76 -27.72 24.32
C LYS A 290 12.64 -27.43 25.34
N ASP A 291 11.63 -26.63 24.97
CA ASP A 291 10.63 -26.19 25.97
C ASP A 291 9.42 -27.10 26.10
N PHE A 292 9.14 -27.90 25.07
CA PHE A 292 7.91 -28.66 24.98
C PHE A 292 8.12 -30.17 24.81
N ARG A 293 7.18 -30.95 25.37
CA ARG A 293 7.04 -32.36 25.06
C ARG A 293 5.63 -32.57 24.53
N ARG A 294 5.52 -33.17 23.36
CA ARG A 294 4.22 -33.45 22.77
C ARG A 294 3.26 -34.26 23.67
N ASN A 295 3.82 -35.16 24.49
CA ASN A 295 3.03 -35.97 25.43
C ASN A 295 2.17 -35.14 26.34
N THR A 296 2.64 -33.94 26.67
CA THR A 296 1.84 -33.00 27.46
C THR A 296 0.43 -32.72 26.90
N TYR A 297 0.26 -32.85 25.58
CA TYR A 297 -0.98 -32.43 24.93
C TYR A 297 -1.71 -33.59 24.25
N THR A 298 -1.47 -34.83 24.68
CA THR A 298 -2.10 -35.99 23.98
C THR A 298 -3.62 -36.03 24.00
N ASN A 299 -4.26 -35.48 25.01
CA ASN A 299 -5.72 -35.49 24.91
C ASN A 299 -6.32 -34.20 24.34
N CYS A 300 -5.51 -33.37 23.70
CA CYS A 300 -5.93 -32.05 23.26
C CYS A 300 -6.23 -32.10 21.78
N SER A 301 -7.39 -31.57 21.39
CA SER A 301 -7.71 -31.39 19.95
C SER A 301 -8.76 -30.30 19.73
N LEU A 302 -8.86 -29.83 18.49
CA LEU A 302 -9.84 -28.82 18.17
C LEU A 302 -11.26 -29.37 18.37
N ILE A 303 -11.47 -30.64 18.02
CA ILE A 303 -12.75 -31.33 18.24
C ILE A 303 -13.20 -31.24 19.72
N LYS A 304 -12.34 -31.61 20.65
CA LYS A 304 -12.68 -31.58 22.08
C LYS A 304 -12.96 -30.17 22.58
N TYR A 305 -12.12 -29.21 22.18
CA TYR A 305 -12.36 -27.82 22.53
C TYR A 305 -13.73 -27.33 22.07
N MET A 306 -14.03 -27.52 20.79
CA MET A 306 -15.27 -26.99 20.26
C MET A 306 -16.51 -27.69 20.85
N GLU A 307 -16.38 -28.99 21.07
CA GLU A 307 -17.36 -29.76 21.85
C GLU A 307 -17.68 -29.19 23.23
N LYS A 308 -16.66 -28.83 24.01
CA LYS A 308 -16.92 -28.17 25.31
C LYS A 308 -17.72 -26.86 25.13
N HIS A 309 -17.62 -26.23 23.95
CA HIS A 309 -18.31 -24.97 23.70
C HIS A 309 -19.47 -25.10 22.77
N LYS A 310 -20.03 -26.31 22.66
CA LYS A 310 -21.34 -26.52 22.05
C LYS A 310 -21.37 -26.42 20.51
N VAL A 311 -20.20 -26.52 19.89
CA VAL A 311 -20.17 -26.62 18.45
C VAL A 311 -20.00 -28.10 18.08
N LYS A 312 -20.87 -28.58 17.19
CA LYS A 312 -20.88 -30.00 16.87
C LYS A 312 -19.73 -30.33 15.91
N PRO A 313 -18.92 -31.35 16.25
CA PRO A 313 -17.79 -31.75 15.40
C PRO A 313 -18.28 -32.22 14.03
N ASP A 314 -19.58 -32.49 13.99
CA ASP A 314 -20.31 -32.98 12.86
C ASP A 314 -20.58 -31.87 11.85
N SER A 315 -20.68 -30.64 12.35
CA SER A 315 -21.22 -29.52 11.59
C SER A 315 -20.29 -29.13 10.45
N LYS A 316 -20.91 -28.70 9.35
CA LYS A 316 -20.17 -28.06 8.28
C LYS A 316 -19.36 -26.87 8.82
N ALA A 317 -19.95 -26.16 9.77
CA ALA A 317 -19.23 -25.03 10.44
C ALA A 317 -17.93 -25.53 10.97
N PHE A 318 -17.95 -26.62 11.74
CA PHE A 318 -16.74 -27.12 12.34
C PHE A 318 -15.69 -27.55 11.30
N HIS A 319 -16.13 -28.30 10.29
CA HIS A 319 -15.20 -28.77 9.28
C HIS A 319 -14.51 -27.62 8.56
N LEU A 320 -15.24 -26.53 8.26
CA LEU A 320 -14.61 -25.32 7.70
C LEU A 320 -13.62 -24.70 8.69
N LEU A 321 -14.01 -24.66 9.96
CA LEU A 321 -13.11 -24.03 10.95
C LEU A 321 -11.78 -24.78 10.99
N GLN A 322 -11.86 -26.10 10.87
CA GLN A 322 -10.66 -26.92 10.98
C GLN A 322 -9.74 -26.74 9.79
N LYS A 323 -10.29 -26.39 8.63
CA LYS A 323 -9.43 -26.11 7.49
C LYS A 323 -8.74 -24.75 7.62
N LEU A 324 -9.36 -23.79 8.31
CA LEU A 324 -8.72 -22.46 8.49
C LEU A 324 -7.65 -22.54 9.58
N LEU A 325 -7.97 -23.26 10.66
CA LEU A 325 -7.06 -23.43 11.77
C LEU A 325 -6.25 -24.72 11.56
N THR A 326 -5.50 -24.78 10.46
CA THR A 326 -4.57 -25.87 10.20
C THR A 326 -3.16 -25.34 10.55
N MET A 327 -2.45 -26.08 11.38
CA MET A 327 -1.12 -25.61 11.85
C MET A 327 -0.11 -25.35 10.73
N ASP A 328 0.05 -26.30 9.81
CA ASP A 328 0.95 -26.16 8.68
C ASP A 328 0.30 -25.17 7.69
N PRO A 329 0.93 -24.00 7.49
CA PRO A 329 0.38 -22.98 6.56
C PRO A 329 0.15 -23.49 5.13
N ILE A 330 0.99 -24.41 4.64
CA ILE A 330 0.77 -24.96 3.28
C ILE A 330 -0.40 -25.92 3.24
N LYS A 331 -0.90 -26.33 4.41
CA LYS A 331 -2.09 -27.18 4.43
C LYS A 331 -3.36 -26.41 4.80
N ARG A 332 -3.23 -25.11 5.01
CA ARG A 332 -4.36 -24.24 5.35
C ARG A 332 -5.09 -23.92 4.04
N ILE A 333 -6.41 -23.92 4.10
CA ILE A 333 -7.24 -23.56 2.97
C ILE A 333 -7.01 -22.09 2.57
N THR A 334 -7.26 -21.76 1.31
CA THR A 334 -7.28 -20.38 0.86
C THR A 334 -8.67 -19.74 1.06
N SER A 335 -8.73 -18.41 0.99
CA SER A 335 -10.01 -17.71 1.07
C SER A 335 -10.98 -18.10 -0.04
N GLU A 336 -10.49 -18.22 -1.28
CA GLU A 336 -11.36 -18.63 -2.39
C GLU A 336 -12.02 -19.98 -2.11
N GLN A 337 -11.24 -20.94 -1.68
CA GLN A 337 -11.77 -22.30 -1.37
C GLN A 337 -12.69 -22.27 -0.17
N ALA A 338 -12.38 -21.42 0.81
CA ALA A 338 -13.21 -21.29 1.95
C ALA A 338 -14.61 -20.74 1.51
N MET A 339 -14.61 -19.75 0.64
CA MET A 339 -15.89 -19.16 0.16
C MET A 339 -16.75 -20.18 -0.59
N GLN A 340 -16.08 -21.15 -1.22
CA GLN A 340 -16.74 -22.22 -1.97
C GLN A 340 -17.23 -23.37 -1.06
N ASP A 341 -16.90 -23.29 0.22
CA ASP A 341 -17.22 -24.36 1.16
C ASP A 341 -18.73 -24.58 1.18
N PRO A 342 -19.15 -25.86 1.28
CA PRO A 342 -20.59 -26.19 1.37
C PRO A 342 -21.31 -25.65 2.62
N TYR A 343 -20.57 -25.27 3.66
CA TYR A 343 -21.16 -24.52 4.79
C TYR A 343 -21.99 -23.34 4.32
N PHE A 344 -21.49 -22.64 3.30
CA PHE A 344 -22.16 -21.46 2.79
C PHE A 344 -23.34 -21.79 1.88
N LEU A 345 -23.48 -23.06 1.51
CA LEU A 345 -24.64 -23.55 0.74
C LEU A 345 -25.74 -24.12 1.65
N GLU A 346 -25.40 -24.38 2.90
CA GLU A 346 -26.30 -24.95 3.90
C GLU A 346 -27.21 -23.87 4.42
N ASP A 347 -28.42 -24.25 4.76
CA ASP A 347 -29.38 -23.34 5.30
C ASP A 347 -28.93 -22.92 6.71
N PRO A 348 -28.95 -21.60 7.05
CA PRO A 348 -29.27 -20.41 6.25
C PRO A 348 -28.12 -19.83 5.41
N LEU A 349 -28.45 -19.42 4.18
CA LEU A 349 -27.52 -18.70 3.34
C LEU A 349 -27.00 -17.40 3.97
N PRO A 350 -25.74 -17.04 3.65
CA PRO A 350 -25.17 -15.77 4.14
C PRO A 350 -25.94 -14.61 3.53
N THR A 351 -26.13 -13.51 4.27
CA THR A 351 -26.83 -12.32 3.71
C THR A 351 -25.89 -11.12 3.62
N SER A 352 -26.16 -10.21 2.69
CA SER A 352 -25.33 -9.00 2.59
C SER A 352 -25.51 -8.07 3.80
N ASP A 353 -26.69 -8.09 4.41
CA ASP A 353 -26.87 -7.46 5.71
C ASP A 353 -26.71 -8.54 6.80
N VAL A 354 -25.60 -8.53 7.52
CA VAL A 354 -25.37 -9.61 8.50
C VAL A 354 -26.44 -9.65 9.63
N PHE A 355 -27.12 -8.54 9.84
CA PHE A 355 -28.17 -8.46 10.84
C PHE A 355 -29.51 -9.00 10.28
N ALA A 356 -29.58 -9.18 8.96
CA ALA A 356 -30.74 -9.85 8.30
C ALA A 356 -32.10 -9.20 8.53
N GLY A 357 -32.18 -7.88 8.39
CA GLY A 357 -33.44 -7.14 8.66
C GLY A 357 -33.91 -7.11 10.11
N CYS A 358 -33.24 -7.86 11.00
CA CYS A 358 -33.59 -7.91 12.44
C CYS A 358 -33.11 -6.65 13.14
N GLN A 359 -33.57 -6.46 14.37
CA GLN A 359 -33.21 -5.29 15.14
C GLN A 359 -31.79 -5.42 15.70
N ILE A 360 -30.98 -4.38 15.48
CA ILE A 360 -29.62 -4.33 16.00
C ILE A 360 -29.64 -4.03 17.51
N PRO A 361 -29.28 -5.02 18.35
CA PRO A 361 -29.30 -4.79 19.81
C PRO A 361 -28.04 -4.13 20.36
N TYR A 362 -26.99 -4.06 19.54
CA TYR A 362 -25.67 -3.61 19.99
C TYR A 362 -25.68 -2.12 20.32
N PRO A 363 -25.10 -1.74 21.45
CA PRO A 363 -25.04 -0.31 21.75
C PRO A 363 -24.15 0.43 20.75
N LYS A 364 -24.53 1.68 20.47
CA LYS A 364 -23.72 2.59 19.70
C LYS A 364 -22.43 2.93 20.47
N ARG A 365 -21.38 3.30 19.75
CA ARG A 365 -20.11 3.70 20.38
C ARG A 365 -20.29 4.90 21.30
N GLU A 366 -19.58 4.90 22.40
CA GLU A 366 -19.69 6.01 23.33
C GLU A 366 -18.58 7.05 23.09
N PHE A 367 -18.86 8.31 23.41
CA PHE A 367 -17.85 9.36 23.33
C PHE A 367 -16.89 9.35 24.50
N LEU A 368 -15.61 9.51 24.19
CA LEU A 368 -14.55 9.42 25.19
C LEU A 368 -14.24 10.81 25.72
N THR A 369 -14.31 10.93 27.04
CA THR A 369 -14.34 12.22 27.65
C THR A 369 -13.15 12.34 28.63
N GLU A 370 -12.32 11.29 28.61
CA GLU A 370 -11.11 11.19 29.45
C GLU A 370 -9.91 11.98 28.97
N GLU A 371 -8.97 12.15 29.90
CA GLU A 371 -7.73 12.89 29.72
C GLU A 371 -6.56 11.90 29.56
N ALA B 1 -2.34 -1.56 -6.05
CA ALA B 1 -2.10 -3.02 -5.83
C ALA B 1 -1.70 -3.91 -7.08
N GLY B 2 -2.65 -4.53 -7.81
CA GLY B 2 -2.33 -5.44 -8.93
C GLY B 2 -3.34 -5.60 -10.12
N ASN B 3 -4.25 -4.65 -10.29
CA ASN B 3 -4.98 -4.50 -11.58
C ASN B 3 -4.77 -3.08 -12.16
N PHE B 4 -4.08 -2.99 -13.30
CA PHE B 4 -3.63 -1.70 -13.76
C PHE B 4 -4.81 -0.86 -14.22
N TRP B 5 -5.80 -1.53 -14.82
CA TRP B 5 -6.96 -0.86 -15.39
C TRP B 5 -7.84 -0.23 -14.35
N GLN B 6 -7.68 -0.61 -13.08
CA GLN B 6 -8.48 -0.02 -12.00
C GLN B 6 -7.63 0.90 -11.11
N SER B 7 -6.36 1.11 -11.49
CA SER B 7 -5.40 1.80 -10.64
C SER B 7 -5.56 3.31 -10.78
N SER B 8 -5.11 4.06 -9.79
CA SER B 8 -5.04 5.51 -9.88
C SER B 8 -3.98 5.91 -10.92
N HIS B 9 -2.95 5.09 -11.08
CA HIS B 9 -2.00 5.31 -12.15
C HIS B 9 -2.74 5.42 -13.46
N TYR B 10 -3.53 4.40 -13.83
CA TYR B 10 -4.22 4.44 -15.11
C TYR B 10 -5.28 5.53 -15.17
N LEU B 11 -6.10 5.66 -14.13
CA LEU B 11 -7.29 6.50 -14.18
C LEU B 11 -7.02 8.00 -13.99
N GLN B 12 -5.91 8.34 -13.35
CA GLN B 12 -5.59 9.76 -13.14
C GLN B 12 -4.28 10.19 -13.75
N TRP B 13 -3.36 9.24 -13.94
CA TRP B 13 -2.01 9.62 -14.30
C TRP B 13 -1.49 9.13 -15.61
N ILE B 14 -2.38 8.68 -16.47
CA ILE B 14 -2.04 8.49 -17.86
C ILE B 14 -2.67 9.71 -18.59
N LEU B 15 -1.84 10.55 -19.17
CA LEU B 15 -2.29 11.90 -19.55
C LEU B 15 -2.39 12.03 -21.06
N ASP B 16 -3.18 13.01 -21.49
CA ASP B 16 -3.22 13.40 -22.90
C ASP B 16 -1.99 14.25 -23.25
N LYS B 17 -1.31 13.88 -24.33
CA LYS B 17 -0.11 14.56 -24.79
C LYS B 17 -0.33 16.08 -25.00
N GLN B 18 -1.48 16.43 -25.57
CA GLN B 18 -1.77 17.84 -25.90
C GLN B 18 -1.98 18.66 -24.66
N ASP B 19 -2.68 18.08 -23.68
CA ASP B 19 -2.90 18.73 -22.38
C ASP B 19 -1.60 18.89 -21.64
N LEU B 20 -0.75 17.87 -21.72
CA LEU B 20 0.60 17.97 -21.16
C LEU B 20 1.41 19.14 -21.78
N LEU B 21 1.46 19.22 -23.10
CA LEU B 21 2.16 20.33 -23.80
C LEU B 21 1.54 21.70 -23.45
N LYS B 22 0.21 21.75 -23.49
CA LYS B 22 -0.54 22.91 -23.07
C LYS B 22 -0.10 23.37 -21.67
N GLU B 23 -0.11 22.47 -20.69
CA GLU B 23 0.34 22.81 -19.34
C GLU B 23 1.80 23.23 -19.27
N ARG B 24 2.64 22.70 -20.17
CA ARG B 24 4.06 23.07 -20.12
C ARG B 24 4.35 24.48 -20.62
N GLN B 25 3.37 25.10 -21.29
CA GLN B 25 3.54 26.46 -21.85
C GLN B 25 4.05 27.47 -20.84
N LYS B 26 3.49 27.48 -19.63
CA LYS B 26 3.98 28.35 -18.55
C LYS B 26 5.50 28.47 -18.57
N ASP B 27 6.17 27.32 -18.73
CA ASP B 27 7.60 27.25 -18.55
C ASP B 27 8.40 27.47 -19.82
N LEU B 28 7.74 27.34 -20.97
CA LEU B 28 8.37 27.53 -22.27
C LEU B 28 8.52 28.98 -22.73
N LYS B 29 8.24 29.92 -21.84
CA LYS B 29 8.49 31.35 -22.10
C LYS B 29 9.96 31.55 -21.87
N PHE B 30 10.49 30.68 -21.02
CA PHE B 30 11.84 30.79 -20.50
C PHE B 30 12.79 29.87 -21.29
N LEU B 31 12.26 28.76 -21.79
CA LEU B 31 13.07 27.66 -22.28
C LEU B 31 12.46 27.16 -23.55
N SER B 32 13.28 26.71 -24.49
CA SER B 32 12.76 26.01 -25.68
C SER B 32 12.22 24.64 -25.24
N GLU B 33 11.47 23.96 -26.10
CA GLU B 33 11.09 22.56 -25.87
C GLU B 33 12.29 21.62 -25.68
N GLU B 34 13.31 21.80 -26.54
CA GLU B 34 14.56 21.04 -26.49
C GLU B 34 15.14 21.14 -25.07
N GLU B 35 15.27 22.36 -24.57
CA GLU B 35 15.89 22.63 -23.30
C GLU B 35 15.07 22.10 -22.12
N TYR B 36 13.74 22.13 -22.25
CA TYR B 36 12.87 21.63 -21.20
C TYR B 36 13.09 20.12 -21.10
N TRP B 37 13.10 19.43 -22.24
CA TRP B 37 13.43 18.01 -22.27
C TRP B 37 14.80 17.74 -21.64
N LYS B 38 15.81 18.55 -21.96
CA LYS B 38 17.15 18.38 -21.36
C LYS B 38 17.14 18.51 -19.84
N LEU B 39 16.34 19.44 -19.32
CA LEU B 39 16.21 19.62 -17.87
C LEU B 39 15.62 18.37 -17.24
N GLN B 40 14.62 17.79 -17.91
CA GLN B 40 13.94 16.58 -17.43
C GLN B 40 14.92 15.39 -17.38
N ILE B 41 15.72 15.25 -18.42
CA ILE B 41 16.78 14.25 -18.47
C ILE B 41 17.76 14.50 -17.34
N PHE B 42 18.16 15.75 -17.19
CA PHE B 42 19.11 16.12 -16.16
C PHE B 42 18.64 15.66 -14.78
N PHE B 43 17.38 15.95 -14.43
CA PHE B 43 16.88 15.61 -13.11
C PHE B 43 16.57 14.11 -12.93
N THR B 44 16.14 13.45 -13.99
CA THR B 44 16.16 11.98 -14.01
C THR B 44 17.56 11.44 -13.65
N ASN B 45 18.61 11.99 -14.26
CA ASN B 45 19.96 11.54 -13.89
C ASN B 45 20.30 11.90 -12.44
N VAL B 46 19.85 13.06 -11.95
CA VAL B 46 20.13 13.42 -10.55
C VAL B 46 19.48 12.40 -9.60
N ILE B 47 18.24 12.01 -9.92
CA ILE B 47 17.49 11.05 -9.11
C ILE B 47 18.11 9.66 -9.15
N GLN B 48 18.55 9.24 -10.33
CA GLN B 48 19.26 7.98 -10.48
C GLN B 48 20.48 8.04 -9.56
N ALA B 49 21.27 9.11 -9.60
CA ALA B 49 22.50 9.18 -8.82
C ALA B 49 22.23 9.20 -7.31
N LEU B 50 21.14 9.85 -6.89
CA LEU B 50 20.77 9.91 -5.49
C LEU B 50 20.48 8.52 -4.96
N GLY B 51 19.66 7.78 -5.72
CA GLY B 51 19.34 6.39 -5.43
C GLY B 51 20.54 5.46 -5.42
N GLU B 52 21.46 5.64 -6.35
CA GLU B 52 22.70 4.83 -6.33
C GLU B 52 23.49 5.06 -5.06
N HIS B 53 23.69 6.32 -4.69
CA HIS B 53 24.38 6.65 -3.46
C HIS B 53 23.71 6.05 -2.25
N LEU B 54 22.38 6.00 -2.24
CA LEU B 54 21.66 5.47 -1.08
C LEU B 54 21.48 3.95 -1.14
N LYS B 55 22.00 3.33 -2.20
CA LYS B 55 21.89 1.89 -2.48
C LYS B 55 20.45 1.40 -2.55
N LEU B 56 19.61 2.18 -3.22
CA LEU B 56 18.20 1.84 -3.41
C LEU B 56 18.05 1.06 -4.69
N ARG B 57 17.07 0.17 -4.72
CA ARG B 57 16.89 -0.72 -5.86
C ARG B 57 16.15 0.02 -6.99
N GLN B 58 16.29 -0.49 -8.23
CA GLN B 58 15.83 0.20 -9.41
C GLN B 58 14.35 0.64 -9.24
N GLN B 59 13.56 -0.17 -8.53
CA GLN B 59 12.16 0.12 -8.37
C GLN B 59 11.88 1.39 -7.58
N VAL B 60 12.59 1.59 -6.47
CA VAL B 60 12.46 2.82 -5.70
C VAL B 60 12.83 4.04 -6.58
N ILE B 61 13.95 3.93 -7.28
CA ILE B 61 14.43 5.03 -8.14
C ILE B 61 13.37 5.40 -9.17
N ALA B 62 12.79 4.39 -9.79
CA ALA B 62 11.83 4.56 -10.89
C ALA B 62 10.57 5.25 -10.35
N THR B 63 10.08 4.76 -9.21
CA THR B 63 8.97 5.37 -8.52
C THR B 63 9.26 6.84 -8.17
N ALA B 64 10.44 7.12 -7.61
CA ALA B 64 10.81 8.51 -7.36
C ALA B 64 10.78 9.37 -8.64
N THR B 65 11.13 8.76 -9.76
CA THR B 65 11.27 9.47 -10.97
C THR B 65 9.89 9.80 -11.49
N VAL B 66 8.96 8.88 -11.32
CA VAL B 66 7.61 9.12 -11.76
C VAL B 66 6.98 10.22 -10.92
N TYR B 67 7.29 10.28 -9.63
CA TYR B 67 6.71 11.30 -8.79
C TYR B 67 7.16 12.67 -9.28
N PHE B 68 8.48 12.81 -9.48
CA PHE B 68 9.07 14.04 -10.00
C PHE B 68 8.43 14.49 -11.31
N LYS B 69 8.23 13.56 -12.23
CA LYS B 69 7.61 13.87 -13.51
C LYS B 69 6.15 14.25 -13.43
N ARG B 70 5.39 13.57 -12.56
CA ARG B 70 3.98 13.84 -12.40
C ARG B 70 3.88 15.21 -11.84
N PHE B 71 4.73 15.52 -10.85
CA PHE B 71 4.66 16.84 -10.23
C PHE B 71 4.84 17.93 -11.29
N TYR B 72 5.92 17.91 -12.07
CA TYR B 72 6.14 18.98 -13.05
C TYR B 72 5.31 18.85 -14.34
N ALA B 73 4.59 17.76 -14.50
CA ALA B 73 3.62 17.69 -15.56
C ALA B 73 2.45 18.62 -15.27
N ARG B 74 2.24 18.95 -14.00
CA ARG B 74 1.06 19.76 -13.62
C ARG B 74 1.47 21.13 -13.18
N TYR B 75 2.61 21.20 -12.52
CA TYR B 75 3.00 22.43 -11.90
C TYR B 75 4.28 22.92 -12.54
N SER B 76 4.48 24.22 -12.43
CA SER B 76 5.64 24.86 -13.03
C SER B 76 6.94 24.47 -12.34
N LEU B 77 8.04 24.52 -13.10
CA LEU B 77 9.40 24.41 -12.55
C LEU B 77 9.72 25.40 -11.39
N LYS B 78 9.11 26.58 -11.41
CA LYS B 78 9.34 27.54 -10.34
C LYS B 78 8.44 27.29 -9.11
N SER B 79 7.42 26.44 -9.23
CA SER B 79 6.50 26.24 -8.08
C SER B 79 7.26 25.78 -6.84
N ILE B 80 8.00 24.68 -6.96
CA ILE B 80 8.93 24.21 -5.90
C ILE B 80 10.28 23.98 -6.56
N ASP B 81 11.36 24.41 -5.91
CA ASP B 81 12.71 24.15 -6.43
C ASP B 81 12.91 22.63 -6.73
N PRO B 82 13.18 22.28 -8.00
CA PRO B 82 13.36 20.85 -8.32
C PRO B 82 14.58 20.20 -7.63
N VAL B 83 15.56 21.00 -7.27
CA VAL B 83 16.70 20.59 -6.46
C VAL B 83 16.26 20.01 -5.10
N LEU B 84 15.19 20.56 -4.52
CA LEU B 84 14.62 20.02 -3.30
C LEU B 84 13.65 18.91 -3.63
N MET B 85 12.95 19.04 -4.75
CA MET B 85 11.97 18.02 -5.09
C MET B 85 12.61 16.68 -5.42
N ALA B 86 13.77 16.69 -6.05
CA ALA B 86 14.37 15.41 -6.43
C ALA B 86 14.63 14.50 -5.20
N PRO B 87 15.34 15.01 -4.18
CA PRO B 87 15.58 14.16 -3.01
C PRO B 87 14.28 13.89 -2.24
N THR B 88 13.37 14.85 -2.24
CA THR B 88 12.07 14.63 -1.60
C THR B 88 11.36 13.43 -2.24
N CYS B 89 11.45 13.33 -3.55
CA CYS B 89 10.79 12.23 -4.26
C CYS B 89 11.44 10.88 -3.88
N VAL B 90 12.75 10.90 -3.69
CA VAL B 90 13.48 9.70 -3.36
C VAL B 90 13.01 9.29 -1.95
N PHE B 91 12.96 10.26 -1.04
CA PHE B 91 12.55 10.02 0.34
C PHE B 91 11.19 9.35 0.38
N LEU B 92 10.20 9.96 -0.26
CA LEU B 92 8.86 9.40 -0.25
C LEU B 92 8.80 8.02 -0.91
N ALA B 93 9.52 7.87 -2.02
CA ALA B 93 9.53 6.60 -2.76
C ALA B 93 10.11 5.44 -1.91
N SER B 94 11.11 5.73 -1.10
CA SER B 94 11.70 4.73 -0.22
C SER B 94 10.66 4.18 0.74
N LYS B 95 9.79 5.06 1.25
CA LYS B 95 8.72 4.61 2.15
C LYS B 95 7.70 3.77 1.44
N VAL B 96 7.16 4.31 0.35
CA VAL B 96 6.12 3.61 -0.42
C VAL B 96 6.60 2.22 -0.86
N GLU B 97 7.86 2.16 -1.30
CA GLU B 97 8.41 0.93 -1.84
C GLU B 97 8.95 -0.02 -0.74
N GLU B 98 8.73 0.33 0.53
CA GLU B 98 9.01 -0.55 1.67
C GLU B 98 10.50 -0.75 2.03
N PHE B 99 11.39 0.09 1.51
CA PHE B 99 12.74 0.19 2.08
C PHE B 99 12.66 0.80 3.50
N GLY B 100 11.76 1.74 3.71
CA GLY B 100 11.66 2.41 5.01
C GLY B 100 11.96 3.89 4.95
N VAL B 101 12.24 4.49 6.12
CA VAL B 101 12.52 5.92 6.20
C VAL B 101 14.02 6.19 6.26
N VAL B 102 14.53 6.86 5.23
CA VAL B 102 15.94 7.21 5.14
C VAL B 102 16.19 8.23 6.26
N SER B 103 17.31 8.11 6.98
CA SER B 103 17.49 8.96 8.16
C SER B 103 17.80 10.40 7.75
N ASN B 104 17.49 11.35 8.62
CA ASN B 104 17.86 12.75 8.45
C ASN B 104 19.28 12.95 7.93
N THR B 105 20.22 12.34 8.62
CA THR B 105 21.63 12.54 8.31
C THR B 105 21.98 11.93 6.95
N ARG B 106 21.47 10.72 6.70
CA ARG B 106 21.76 10.00 5.45
C ARG B 106 21.21 10.67 4.19
N LEU B 107 19.96 11.11 4.22
CA LEU B 107 19.35 11.76 3.05
C LEU B 107 20.08 13.07 2.69
N ILE B 108 20.36 13.88 3.70
CA ILE B 108 20.98 15.19 3.49
C ILE B 108 22.44 15.05 3.09
N ALA B 109 23.13 14.06 3.65
CA ALA B 109 24.50 13.75 3.23
C ALA B 109 24.52 13.22 1.80
N ALA B 110 23.52 12.44 1.43
CA ALA B 110 23.43 11.93 0.04
C ALA B 110 23.24 13.06 -0.97
N ALA B 111 22.26 13.94 -0.70
CA ALA B 111 21.98 15.08 -1.56
C ALA B 111 23.20 15.97 -1.68
N THR B 112 23.82 16.27 -0.53
CA THR B 112 25.01 17.12 -0.44
C THR B 112 26.15 16.51 -1.25
N SER B 113 26.44 15.22 -1.05
CA SER B 113 27.63 14.65 -1.66
C SER B 113 27.44 14.36 -3.18
N VAL B 114 26.29 13.83 -3.56
CA VAL B 114 25.95 13.62 -4.96
C VAL B 114 26.04 14.89 -5.82
N LEU B 115 25.53 16.01 -5.34
CA LEU B 115 25.60 17.23 -6.15
C LEU B 115 27.01 17.79 -6.26
N LYS B 116 27.75 17.76 -5.16
CA LYS B 116 29.13 18.25 -5.09
C LYS B 116 30.02 17.41 -5.98
N THR B 117 29.82 16.10 -5.91
CA THR B 117 30.69 15.12 -6.55
C THR B 117 30.36 14.83 -8.02
N ARG B 118 29.08 14.62 -8.33
CA ARG B 118 28.71 14.18 -9.68
C ARG B 118 28.05 15.26 -10.56
N PHE B 119 27.78 16.43 -9.97
CA PHE B 119 27.05 17.48 -10.66
C PHE B 119 27.60 18.88 -10.40
N SER B 120 28.90 18.97 -10.11
CA SER B 120 29.48 20.27 -9.76
C SER B 120 29.54 21.17 -10.98
N TYR B 121 29.49 20.58 -12.15
CA TYR B 121 29.40 21.34 -13.38
C TYR B 121 28.12 22.15 -13.50
N ALA B 122 27.06 21.71 -12.79
CA ALA B 122 25.74 22.40 -12.76
C ALA B 122 25.48 23.18 -11.48
N PHE B 123 26.07 22.72 -10.37
CA PHE B 123 25.81 23.28 -9.04
C PHE B 123 27.11 23.68 -8.37
N PRO B 124 27.52 24.95 -8.54
CA PRO B 124 28.78 25.38 -7.93
C PRO B 124 28.69 25.42 -6.39
N LYS B 125 27.50 25.74 -5.88
CA LYS B 125 27.24 25.85 -4.45
C LYS B 125 26.69 24.56 -3.85
N GLU B 126 26.97 24.36 -2.58
CA GLU B 126 26.53 23.17 -1.84
C GLU B 126 25.00 23.06 -1.72
N PHE B 127 24.48 21.85 -1.66
CA PHE B 127 23.08 21.62 -1.32
C PHE B 127 22.66 22.46 -0.12
N PRO B 128 21.70 23.39 -0.30
CA PRO B 128 21.42 24.34 0.76
C PRO B 128 20.23 23.96 1.66
N TYR B 129 19.55 22.86 1.38
CA TYR B 129 18.38 22.52 2.16
C TYR B 129 18.69 21.53 3.27
N ARG B 130 17.84 21.52 4.28
CA ARG B 130 17.96 20.61 5.40
C ARG B 130 16.70 19.74 5.54
N MET B 131 16.70 18.83 6.50
CA MET B 131 15.61 17.90 6.66
C MET B 131 14.25 18.55 6.89
N ASN B 132 14.22 19.67 7.58
CA ASN B 132 12.94 20.36 7.77
C ASN B 132 12.34 20.79 6.43
N HIS B 133 13.19 21.08 5.44
CA HIS B 133 12.69 21.39 4.09
C HIS B 133 12.15 20.18 3.37
N ILE B 134 12.89 19.07 3.45
CA ILE B 134 12.42 17.80 2.85
C ILE B 134 11.03 17.41 3.36
N LEU B 135 10.85 17.50 4.68
CA LEU B 135 9.60 17.13 5.33
C LEU B 135 8.42 17.99 4.86
N GLU B 136 8.59 19.30 4.88
CA GLU B 136 7.57 20.20 4.33
C GLU B 136 7.32 19.94 2.84
N CYS B 137 8.37 19.78 2.04
CA CYS B 137 8.21 19.46 0.63
C CYS B 137 7.47 18.14 0.41
N GLU B 138 7.70 17.17 1.29
CA GLU B 138 7.05 15.87 1.17
C GLU B 138 5.53 15.96 1.37
N PHE B 139 5.11 16.74 2.36
CA PHE B 139 3.70 17.03 2.56
C PHE B 139 3.04 17.63 1.33
N TYR B 140 3.71 18.60 0.68
CA TYR B 140 3.16 19.23 -0.55
C TYR B 140 3.12 18.28 -1.72
N LEU B 141 4.20 17.50 -1.86
CA LEU B 141 4.27 16.47 -2.90
C LEU B 141 3.14 15.45 -2.76
N LEU B 142 2.89 14.97 -1.54
CA LEU B 142 1.81 14.00 -1.33
C LEU B 142 0.46 14.60 -1.72
N GLU B 143 0.15 15.80 -1.22
CA GLU B 143 -1.17 16.36 -1.53
C GLU B 143 -1.30 16.72 -2.98
N LEU B 144 -0.22 17.25 -3.54
CA LEU B 144 -0.26 17.71 -4.93
C LEU B 144 -0.33 16.56 -5.97
N MET B 145 -0.05 15.32 -5.55
CA MET B 145 -0.30 14.15 -6.42
C MET B 145 -1.61 13.49 -6.06
N ASP B 146 -2.42 14.18 -5.27
CA ASP B 146 -3.73 13.66 -4.85
C ASP B 146 -3.53 12.29 -4.16
N CYS B 147 -2.43 12.16 -3.42
CA CYS B 147 -2.16 10.95 -2.63
C CYS B 147 -2.01 9.66 -3.44
N CYS B 148 -1.74 9.78 -4.74
CA CYS B 148 -1.48 8.61 -5.59
C CYS B 148 -0.04 8.19 -5.38
N LEU B 149 0.17 6.95 -4.92
CA LEU B 149 1.52 6.55 -4.48
C LEU B 149 2.03 5.30 -5.14
N ILE B 150 1.10 4.40 -5.46
CA ILE B 150 1.43 3.18 -6.18
C ILE B 150 1.54 3.36 -7.70
N VAL B 151 2.74 3.10 -8.17
CA VAL B 151 3.10 3.30 -9.56
C VAL B 151 3.44 1.94 -10.21
N TYR B 152 2.88 1.68 -11.38
CA TYR B 152 3.29 0.51 -12.13
C TYR B 152 4.44 0.84 -13.11
N HIS B 153 5.41 -0.03 -13.23
CA HIS B 153 6.59 0.20 -14.08
C HIS B 153 6.71 -0.91 -15.10
N PRO B 154 7.57 -0.73 -16.11
CA PRO B 154 7.54 -1.71 -17.20
C PRO B 154 8.37 -2.96 -16.90
N TYR B 155 9.12 -2.96 -15.81
CA TYR B 155 10.01 -4.08 -15.48
C TYR B 155 9.32 -5.43 -15.31
N ARG B 156 8.27 -5.47 -14.49
CA ARG B 156 7.48 -6.69 -14.27
C ARG B 156 6.91 -7.25 -15.57
N PRO B 157 6.13 -6.45 -16.31
CA PRO B 157 5.65 -7.10 -17.54
C PRO B 157 6.76 -7.48 -18.53
N LEU B 158 7.86 -6.72 -18.59
CA LEU B 158 8.98 -7.10 -19.45
C LEU B 158 9.51 -8.49 -19.08
N LEU B 159 9.74 -8.72 -17.79
CA LEU B 159 10.23 -10.03 -17.29
C LEU B 159 9.25 -11.15 -17.68
N GLN B 160 7.95 -10.90 -17.50
CA GLN B 160 6.93 -11.85 -17.94
C GLN B 160 7.00 -12.12 -19.44
N TYR B 161 7.12 -11.06 -20.26
CA TYR B 161 7.29 -11.25 -21.71
C TYR B 161 8.54 -12.03 -22.13
N VAL B 162 9.73 -11.71 -21.60
CA VAL B 162 10.93 -12.42 -22.08
C VAL B 162 10.93 -13.89 -21.68
N GLN B 163 10.36 -14.17 -20.52
CA GLN B 163 10.17 -15.54 -20.03
C GLN B 163 9.26 -16.31 -20.95
N ASP B 164 8.19 -15.67 -21.38
CA ASP B 164 7.20 -16.25 -22.28
C ASP B 164 7.78 -16.54 -23.64
N MET B 165 8.77 -15.75 -24.01
CA MET B 165 9.41 -15.83 -25.29
C MET B 165 10.47 -16.93 -25.23
N GLY B 166 10.91 -17.24 -24.02
CA GLY B 166 11.97 -18.20 -23.78
C GLY B 166 13.32 -17.63 -24.18
N GLN B 167 13.51 -16.36 -23.84
CA GLN B 167 14.70 -15.62 -24.24
C GLN B 167 15.26 -14.73 -23.13
N GLU B 168 15.05 -15.12 -21.88
CA GLU B 168 15.48 -14.30 -20.76
C GLU B 168 16.98 -13.95 -20.89
N ASP B 169 17.84 -14.97 -20.84
CA ASP B 169 19.29 -14.75 -20.88
C ASP B 169 19.71 -13.81 -21.99
N MET B 170 19.15 -14.04 -23.18
CA MET B 170 19.58 -13.35 -24.38
C MET B 170 19.16 -11.86 -24.44
N LEU B 171 17.87 -11.59 -24.26
CA LEU B 171 17.27 -10.28 -24.52
C LEU B 171 17.05 -9.38 -23.30
N LEU B 172 16.93 -9.99 -22.13
CA LEU B 172 16.63 -9.24 -20.90
C LEU B 172 17.60 -8.11 -20.54
N PRO B 173 18.93 -8.37 -20.50
CA PRO B 173 19.79 -7.26 -20.05
C PRO B 173 19.67 -6.00 -20.93
N LEU B 174 19.50 -6.17 -22.23
CA LEU B 174 19.39 -5.01 -23.09
C LEU B 174 18.00 -4.37 -22.98
N ALA B 175 16.94 -5.17 -23.01
CA ALA B 175 15.59 -4.63 -22.91
C ALA B 175 15.41 -3.90 -21.58
N TRP B 176 15.96 -4.47 -20.52
CA TRP B 176 15.92 -3.84 -19.21
C TRP B 176 16.60 -2.49 -19.21
N ARG B 177 17.79 -2.45 -19.82
CA ARG B 177 18.56 -1.21 -19.87
C ARG B 177 17.79 -0.15 -20.68
N ILE B 178 17.05 -0.58 -21.70
CA ILE B 178 16.23 0.34 -22.51
C ILE B 178 15.02 0.90 -21.72
N VAL B 179 14.35 0.04 -20.96
CA VAL B 179 13.34 0.51 -20.01
C VAL B 179 13.92 1.61 -19.11
N ASN B 180 15.11 1.41 -18.54
CA ASN B 180 15.75 2.47 -17.75
C ASN B 180 15.82 3.76 -18.55
N ASP B 181 16.25 3.66 -19.81
CA ASP B 181 16.39 4.82 -20.69
C ASP B 181 15.04 5.54 -20.95
N THR B 182 13.92 4.81 -20.94
CA THR B 182 12.62 5.46 -21.16
C THR B 182 12.26 6.49 -20.07
N TYR B 183 12.85 6.36 -18.89
CA TYR B 183 12.65 7.37 -17.84
C TYR B 183 13.24 8.74 -18.25
N ARG B 184 14.09 8.77 -19.27
CA ARG B 184 14.54 10.05 -19.83
C ARG B 184 13.42 10.74 -20.61
N THR B 185 12.27 10.10 -20.80
CA THR B 185 11.20 10.65 -21.62
C THR B 185 9.96 10.78 -20.77
N ASP B 186 8.88 11.21 -21.41
CA ASP B 186 7.55 11.37 -20.83
C ASP B 186 6.74 10.10 -20.97
N LEU B 187 7.34 9.04 -21.51
CA LEU B 187 6.57 7.81 -21.77
C LEU B 187 5.72 7.37 -20.57
N CYS B 188 6.29 7.40 -19.37
CA CYS B 188 5.58 6.91 -18.20
C CYS B 188 4.29 7.70 -17.87
N LEU B 189 4.18 8.93 -18.41
CA LEU B 189 2.96 9.74 -18.26
C LEU B 189 1.92 9.49 -19.35
N LEU B 190 2.27 8.67 -20.34
CA LEU B 190 1.48 8.66 -21.57
C LEU B 190 0.98 7.28 -21.94
N TYR B 191 1.68 6.24 -21.52
CA TYR B 191 1.33 4.88 -21.93
C TYR B 191 1.29 3.88 -20.79
N PRO B 192 0.39 2.88 -20.86
CA PRO B 192 0.44 1.72 -19.94
C PRO B 192 1.86 1.08 -19.91
N PRO B 193 2.37 0.76 -18.71
CA PRO B 193 3.72 0.17 -18.56
C PRO B 193 3.98 -1.07 -19.41
N PHE B 194 2.94 -1.87 -19.67
CA PHE B 194 3.15 -3.08 -20.45
C PHE B 194 3.48 -2.75 -21.93
N MET B 195 2.93 -1.65 -22.42
CA MET B 195 3.25 -1.17 -23.77
C MET B 195 4.68 -0.62 -23.85
N ILE B 196 5.14 0.05 -22.80
CA ILE B 196 6.50 0.52 -22.79
C ILE B 196 7.42 -0.71 -22.85
N ALA B 197 7.11 -1.72 -22.05
CA ALA B 197 7.93 -2.93 -21.99
C ALA B 197 7.94 -3.64 -23.34
N LEU B 198 6.80 -3.72 -24.04
CA LEU B 198 6.81 -4.32 -25.37
C LEU B 198 7.67 -3.57 -26.38
N ALA B 199 7.62 -2.24 -26.32
CA ALA B 199 8.38 -1.40 -27.24
C ALA B 199 9.88 -1.56 -27.01
N CYS B 200 10.27 -1.55 -25.74
CA CYS B 200 11.64 -1.78 -25.34
C CYS B 200 12.17 -3.15 -25.79
N LEU B 201 11.36 -4.19 -25.58
CA LEU B 201 11.74 -5.52 -26.00
C LEU B 201 11.89 -5.56 -27.52
N HIS B 202 11.01 -4.85 -28.23
CA HIS B 202 11.12 -4.75 -29.68
C HIS B 202 12.41 -4.13 -30.16
N VAL B 203 12.77 -2.98 -29.60
CA VAL B 203 14.06 -2.36 -29.91
C VAL B 203 15.24 -3.32 -29.55
N ALA B 204 15.09 -4.08 -28.47
CA ALA B 204 16.16 -5.01 -28.09
C ALA B 204 16.32 -6.09 -29.14
N CYS B 205 15.20 -6.60 -29.64
CA CYS B 205 15.23 -7.61 -30.73
C CYS B 205 15.90 -7.08 -31.99
N VAL B 206 15.57 -5.84 -32.35
CA VAL B 206 16.10 -5.20 -33.55
C VAL B 206 17.59 -5.00 -33.42
N VAL B 207 18.03 -4.46 -32.28
CA VAL B 207 19.46 -4.24 -32.01
C VAL B 207 20.23 -5.57 -32.05
N GLN B 208 19.64 -6.62 -31.48
CA GLN B 208 20.31 -7.91 -31.43
C GLN B 208 19.99 -8.79 -32.63
N GLN B 209 19.36 -8.20 -33.66
CA GLN B 209 18.98 -8.93 -34.88
C GLN B 209 18.30 -10.27 -34.61
N LYS B 210 17.47 -10.31 -33.56
CA LYS B 210 16.67 -11.48 -33.25
C LYS B 210 15.28 -11.28 -33.85
N ASP B 211 14.80 -12.30 -34.55
CA ASP B 211 13.51 -12.23 -35.21
C ASP B 211 12.41 -12.70 -34.25
N ALA B 212 11.34 -11.91 -34.14
CA ALA B 212 10.26 -12.18 -33.20
C ALA B 212 8.93 -11.64 -33.70
N ARG B 213 8.84 -11.45 -35.02
CA ARG B 213 7.65 -10.86 -35.65
C ARG B 213 6.39 -11.69 -35.37
N GLN B 214 6.57 -13.00 -35.38
CA GLN B 214 5.52 -13.96 -35.07
C GLN B 214 5.00 -13.83 -33.64
N TRP B 215 5.92 -13.87 -32.68
CA TRP B 215 5.57 -13.73 -31.28
C TRP B 215 4.88 -12.44 -31.01
N PHE B 216 5.38 -11.37 -31.64
CA PHE B 216 4.80 -10.03 -31.59
C PHE B 216 3.44 -9.94 -32.24
N ALA B 217 3.28 -10.56 -33.42
CA ALA B 217 2.04 -10.45 -34.21
C ALA B 217 0.85 -11.17 -33.56
N GLU B 218 1.12 -12.14 -32.69
CA GLU B 218 0.04 -12.86 -32.04
C GLU B 218 -0.23 -12.43 -30.61
N LEU B 219 0.19 -11.20 -30.29
CA LEU B 219 -0.21 -10.56 -29.04
C LEU B 219 -1.48 -9.80 -29.38
N SER B 220 -2.42 -9.72 -28.46
CA SER B 220 -3.60 -8.91 -28.77
C SER B 220 -3.37 -7.53 -28.17
N VAL B 221 -2.84 -6.65 -29.02
CA VAL B 221 -2.37 -5.34 -28.61
C VAL B 221 -2.42 -4.38 -29.81
N ASP B 222 -2.63 -3.11 -29.53
CA ASP B 222 -2.60 -2.10 -30.57
C ASP B 222 -1.15 -1.81 -30.97
N MET B 223 -0.75 -2.40 -32.12
CA MET B 223 0.61 -2.23 -32.63
C MET B 223 0.94 -0.81 -33.08
N GLU B 224 -0.08 -0.01 -33.43
CA GLU B 224 0.11 1.40 -33.72
C GLU B 224 0.73 2.10 -32.50
N LYS B 225 0.16 1.83 -31.32
CA LYS B 225 0.64 2.39 -30.08
C LYS B 225 2.07 1.98 -29.72
N ILE B 226 2.39 0.71 -29.96
CA ILE B 226 3.74 0.19 -29.70
C ILE B 226 4.74 0.95 -30.58
N LEU B 227 4.39 1.11 -31.86
CA LEU B 227 5.22 1.84 -32.81
C LEU B 227 5.48 3.29 -32.45
N GLU B 228 4.45 4.01 -31.98
CA GLU B 228 4.62 5.36 -31.43
C GLU B 228 5.67 5.35 -30.33
N ILE B 229 5.59 4.38 -29.41
CA ILE B 229 6.58 4.32 -28.34
C ILE B 229 7.98 4.04 -28.93
N ILE B 230 8.05 3.09 -29.84
CA ILE B 230 9.32 2.74 -30.49
C ILE B 230 9.99 3.98 -31.08
N ARG B 231 9.18 4.85 -31.69
CA ARG B 231 9.72 6.08 -32.26
C ARG B 231 10.26 7.01 -31.19
N VAL B 232 9.59 7.09 -30.05
CA VAL B 232 10.10 7.95 -29.00
C VAL B 232 11.48 7.42 -28.56
N ILE B 233 11.64 6.10 -28.51
CA ILE B 233 12.85 5.48 -28.01
C ILE B 233 14.01 5.75 -28.96
N LEU B 234 13.76 5.53 -30.27
CA LEU B 234 14.73 5.87 -31.33
C LEU B 234 15.12 7.35 -31.26
N LYS B 235 14.13 8.21 -31.07
CA LYS B 235 14.36 9.64 -30.93
C LYS B 235 15.20 9.98 -29.69
N LEU B 236 15.00 9.25 -28.59
CA LEU B 236 15.77 9.57 -27.39
C LEU B 236 17.27 9.24 -27.60
N TYR B 237 17.58 8.22 -28.40
CA TYR B 237 19.01 7.91 -28.69
C TYR B 237 19.70 8.93 -29.59
N GLU B 238 18.96 9.47 -30.56
CA GLU B 238 19.45 10.60 -31.37
C GLU B 238 19.68 11.82 -30.50
N GLN B 239 18.75 12.13 -29.60
CA GLN B 239 18.94 13.25 -28.67
C GLN B 239 20.11 13.02 -27.69
N TRP B 240 20.23 11.80 -27.19
CA TRP B 240 21.34 11.42 -26.33
C TRP B 240 22.67 11.73 -27.02
N LYS B 241 22.82 11.30 -28.27
CA LYS B 241 24.04 11.60 -29.04
C LYS B 241 24.31 13.09 -29.09
N ASN B 242 23.27 13.90 -29.36
CA ASN B 242 23.45 15.33 -29.59
C ASN B 242 23.53 16.18 -28.33
N PHE B 243 23.14 15.60 -27.21
CA PHE B 243 23.03 16.30 -25.94
C PHE B 243 24.36 16.08 -25.19
N ASP B 244 25.03 17.17 -24.82
CA ASP B 244 26.08 17.06 -23.80
C ASP B 244 25.63 17.78 -22.57
N GLU B 245 25.17 17.00 -21.63
CA GLU B 245 24.66 17.48 -20.38
C GLU B 245 25.68 18.29 -19.56
N ARG B 246 26.96 17.89 -19.55
CA ARG B 246 27.91 18.58 -18.66
C ARG B 246 28.26 19.97 -19.16
N LYS B 247 28.26 20.11 -20.49
CA LYS B 247 28.55 21.34 -21.15
C LYS B 247 27.33 22.30 -21.19
N GLU B 248 26.10 21.78 -21.14
CA GLU B 248 24.93 22.62 -21.43
C GLU B 248 24.10 23.01 -20.22
N MET B 249 24.18 22.24 -19.13
CA MET B 249 23.16 22.33 -18.07
C MET B 249 23.21 23.60 -17.21
N ALA B 250 24.41 24.11 -16.92
CA ALA B 250 24.50 25.39 -16.16
C ALA B 250 23.73 26.53 -16.87
N THR B 251 23.96 26.70 -18.17
CA THR B 251 23.22 27.65 -18.98
C THR B 251 21.72 27.39 -18.98
N ILE B 252 21.33 26.14 -19.14
CA ILE B 252 19.91 25.80 -19.12
C ILE B 252 19.24 26.00 -17.75
N LEU B 253 19.92 25.67 -16.65
CA LEU B 253 19.40 25.96 -15.30
C LEU B 253 19.18 27.46 -14.99
N SER B 254 20.11 28.32 -15.44
CA SER B 254 19.98 29.77 -15.20
C SER B 254 18.79 30.33 -15.98
N LYS B 255 18.44 29.72 -17.11
CA LYS B 255 17.23 30.11 -17.84
C LYS B 255 15.91 29.65 -17.18
N MET B 256 16.01 28.63 -16.35
CA MET B 256 14.85 28.00 -15.73
C MET B 256 14.20 29.01 -14.79
N PRO B 257 12.85 29.17 -14.88
CA PRO B 257 12.08 30.04 -13.97
C PRO B 257 12.38 29.67 -12.53
N LYS B 258 12.69 30.66 -11.72
CA LYS B 258 12.94 30.39 -10.31
C LYS B 258 11.73 30.85 -9.45
N PRO B 259 11.62 30.33 -8.22
CA PRO B 259 10.45 30.69 -7.41
C PRO B 259 10.48 32.16 -7.02
N LYS B 260 9.36 32.86 -7.15
CA LYS B 260 9.26 34.25 -6.65
C LYS B 260 9.32 34.33 -5.11
N PRO B 261 10.21 35.18 -4.58
CA PRO B 261 10.34 35.28 -3.12
C PRO B 261 9.13 36.00 -2.52
N PRO B 262 8.94 35.89 -1.19
CA PRO B 262 7.87 36.67 -0.52
C PRO B 262 8.02 38.19 -0.76
N PRO B 263 6.91 38.95 -0.69
CA PRO B 263 6.98 40.39 -0.95
C PRO B 263 7.42 41.20 0.27
#